data_7VWE
#
_entry.id   7VWE
#
_cell.length_a   39.123
_cell.length_b   92.303
_cell.length_c   96.088
_cell.angle_alpha   90.000
_cell.angle_beta   98.055
_cell.angle_gamma   90.000
#
_symmetry.space_group_name_H-M   'P 1 21 1'
#
loop_
_entity.id
_entity.type
_entity.pdbx_description
1 polymer 'Peroxisome proliferator-activated receptor delta'
2 non-polymer 'heptyl beta-D-glucopyranoside'
3 non-polymer '5-[4-butoxy-3-[[[2-fluoranyl-4-(trifluoromethyl)phenyl]carbonylamino]methyl]phenyl]-4,6-dimethyl-pyridine-3-carboxylic acid'
4 water water
#
_entity_poly.entity_id   1
_entity_poly.type   'polypeptide(L)'
_entity_poly.pdbx_seq_one_letter_code
;GSHMPQVADLKAFSKHIYNAYLKNFNMTKKKARSILTGKASHTAPFVIHDIETLWQAEKGLVWKQLVNGLPPYKEISVHV
FYRCQCTTVETVRELTEFAKSIPSFSSLFLNDQVTLLKYGVHEAIFAMLASIVNKDGLLVANGSGFVTREFLRSLRKPFS
DIIEPKFEFAVKFNALELDDSDLALFIAAIILCGDRPGLMNVPRVEAIQDTILRALEFHLQANHPDAQYLFPKLLQKMAD
LRQLVTEHAQMMQRIKKTETETSLHPLLQEIYKDMY
;
_entity_poly.pdbx_strand_id   A,B
#
loop_
_chem_comp.id
_chem_comp.type
_chem_comp.name
_chem_comp.formula
81O non-polymer '5-[4-butoxy-3-[[[2-fluoranyl-4-(trifluoromethyl)phenyl]carbonylamino]methyl]phenyl]-4,6-dimethyl-pyridine-3-carboxylic acid' 'C27 H26 F4 N2 O4'
B7G D-saccharide 'heptyl beta-D-glucopyranoside' 'C13 H26 O6'
#
# COMPACT_ATOMS: atom_id res chain seq x y z
N ASP A 9 3.64 9.71 24.49
CA ASP A 9 4.09 8.79 25.52
C ASP A 9 4.88 7.63 24.91
N LEU A 10 6.17 7.54 25.23
CA LEU A 10 6.96 6.42 24.72
C LEU A 10 6.57 5.11 25.37
N LYS A 11 6.13 5.15 26.63
CA LYS A 11 5.71 3.92 27.30
C LYS A 11 4.51 3.31 26.61
N ALA A 12 3.55 4.14 26.21
CA ALA A 12 2.38 3.66 25.47
C ALA A 12 2.75 3.27 24.05
N PHE A 13 3.72 3.98 23.45
CA PHE A 13 4.15 3.65 22.10
C PHE A 13 4.74 2.25 22.03
N SER A 14 5.63 1.91 22.97
CA SER A 14 6.25 0.58 22.97
C SER A 14 5.22 -0.50 23.26
N LYS A 15 4.27 -0.22 24.16
CA LYS A 15 3.28 -1.22 24.50
C LYS A 15 2.34 -1.47 23.33
N HIS A 16 2.04 -0.43 22.52
CA HIS A 16 1.19 -0.62 21.37
C HIS A 16 1.85 -1.51 20.32
N ILE A 17 3.13 -1.27 20.04
CA ILE A 17 3.85 -2.08 19.08
C ILE A 17 3.99 -3.51 19.57
N TYR A 18 4.22 -3.69 20.88
CA TYR A 18 4.28 -5.03 21.45
C TYR A 18 2.93 -5.74 21.34
N ASN A 19 1.84 -4.98 21.36
CA ASN A 19 0.52 -5.58 21.14
C ASN A 19 0.33 -5.98 19.69
N ALA A 20 0.74 -5.12 18.74
CA ALA A 20 0.66 -5.46 17.33
C ALA A 20 1.55 -6.64 16.98
N TYR A 21 2.65 -6.81 17.72
CA TYR A 21 3.52 -7.97 17.52
C TYR A 21 2.81 -9.25 17.90
N LEU A 22 2.24 -9.31 19.10
CA LEU A 22 1.51 -10.50 19.54
C LEU A 22 0.24 -10.70 18.73
N LYS A 23 -0.33 -9.62 18.19
CA LYS A 23 -1.58 -9.69 17.44
C LYS A 23 -1.39 -10.27 16.04
N ASN A 24 -0.17 -10.25 15.50
CA ASN A 24 0.05 -10.54 14.10
C ASN A 24 1.06 -11.64 13.83
N PHE A 25 1.72 -12.20 14.85
CA PHE A 25 2.73 -13.22 14.66
C PHE A 25 2.32 -14.49 15.41
N ASN A 26 2.02 -15.54 14.66
CA ASN A 26 1.58 -16.79 15.27
C ASN A 26 2.67 -17.43 16.10
N MET A 27 3.92 -17.32 15.65
CA MET A 27 5.06 -17.99 16.29
C MET A 27 5.94 -16.94 16.95
N THR A 28 5.82 -16.83 18.28
CA THR A 28 6.67 -15.93 19.05
C THR A 28 7.92 -16.68 19.49
N LYS A 29 8.92 -15.91 19.95
CA LYS A 29 10.11 -16.54 20.50
C LYS A 29 9.78 -17.28 21.79
N LYS A 30 8.73 -16.84 22.50
CA LYS A 30 8.31 -17.53 23.71
C LYS A 30 7.74 -18.90 23.40
N LYS A 31 6.79 -18.97 22.45
CA LYS A 31 6.26 -20.25 22.01
C LYS A 31 7.37 -21.15 21.47
N ALA A 32 8.23 -20.60 20.61
CA ALA A 32 9.23 -21.43 19.96
C ALA A 32 10.22 -22.01 20.96
N ARG A 33 10.55 -21.25 22.01
CA ARG A 33 11.50 -21.74 23.01
C ARG A 33 10.91 -22.89 23.83
N SER A 34 9.59 -22.92 23.99
CA SER A 34 8.95 -24.05 24.66
C SER A 34 9.07 -25.32 23.82
N ILE A 35 8.88 -25.20 22.51
CA ILE A 35 8.93 -26.36 21.63
C ILE A 35 10.36 -26.86 21.48
N LEU A 36 11.34 -25.97 21.53
CA LEU A 36 12.74 -26.34 21.36
C LEU A 36 13.40 -26.81 22.66
N THR A 37 12.75 -26.62 23.81
CA THR A 37 13.28 -27.12 25.07
C THR A 37 12.53 -28.33 25.59
N GLY A 38 11.22 -28.37 25.43
CA GLY A 38 10.44 -29.51 25.88
C GLY A 38 9.63 -29.21 27.11
N LYS A 39 8.55 -28.44 26.95
CA LYS A 39 7.69 -28.07 28.07
C LYS A 39 6.35 -27.55 27.57
N THR A 43 3.63 -31.07 22.43
CA THR A 43 3.89 -32.08 21.40
C THR A 43 5.25 -31.84 20.74
N ALA A 44 6.09 -32.88 20.70
CA ALA A 44 7.41 -32.75 20.12
C ALA A 44 7.30 -32.56 18.60
N PRO A 45 8.16 -31.73 18.00
CA PRO A 45 8.08 -31.54 16.55
C PRO A 45 8.56 -32.77 15.81
N PHE A 46 8.04 -32.94 14.59
CA PHE A 46 8.44 -34.03 13.72
C PHE A 46 9.71 -33.62 12.98
N VAL A 47 10.79 -34.34 13.23
CA VAL A 47 12.10 -34.01 12.69
C VAL A 47 12.15 -34.35 11.21
N ILE A 48 12.64 -33.41 10.39
CA ILE A 48 12.83 -33.60 8.96
C ILE A 48 14.32 -33.55 8.67
N HIS A 49 14.90 -34.69 8.32
CA HIS A 49 16.33 -34.79 8.06
C HIS A 49 16.68 -35.48 6.75
N ASP A 50 15.71 -36.01 6.02
CA ASP A 50 15.97 -36.74 4.78
C ASP A 50 14.76 -36.62 3.86
N ILE A 51 14.84 -37.30 2.72
CA ILE A 51 13.77 -37.21 1.73
C ILE A 51 12.51 -37.90 2.24
N GLU A 52 12.67 -39.00 2.97
CA GLU A 52 11.50 -39.75 3.42
C GLU A 52 10.69 -38.95 4.44
N THR A 53 11.36 -38.43 5.48
CA THR A 53 10.66 -37.65 6.48
C THR A 53 10.08 -36.37 5.90
N LEU A 54 10.72 -35.81 4.88
CA LEU A 54 10.13 -34.70 4.15
C LEU A 54 8.86 -35.13 3.44
N TRP A 55 8.91 -36.30 2.79
CA TRP A 55 7.72 -36.83 2.11
C TRP A 55 6.60 -37.11 3.09
N GLN A 56 6.93 -37.71 4.24
CA GLN A 56 5.92 -37.94 5.27
C GLN A 56 5.32 -36.63 5.77
N ALA A 57 6.15 -35.61 5.97
CA ALA A 57 5.65 -34.33 6.46
C ALA A 57 4.71 -33.66 5.47
N GLU A 58 4.96 -33.85 4.16
CA GLU A 58 4.06 -33.29 3.16
C GLU A 58 2.67 -33.90 3.22
N LYS A 59 2.54 -35.12 3.76
CA LYS A 59 1.24 -35.77 3.90
C LYS A 59 0.64 -35.52 5.27
N GLY A 60 1.38 -35.84 6.33
CA GLY A 60 0.85 -35.77 7.68
C GLY A 60 1.30 -34.59 8.52
N LEU A 61 1.46 -33.42 7.91
CA LEU A 61 1.73 -32.18 8.64
C LEU A 61 1.05 -30.99 7.95
N PRO A 71 2.96 -26.00 -7.34
CA PRO A 71 4.07 -26.02 -8.31
C PRO A 71 4.52 -27.44 -8.66
N PRO A 72 4.96 -27.64 -9.90
CA PRO A 72 5.41 -28.98 -10.32
C PRO A 72 6.68 -29.37 -9.59
N TYR A 73 6.73 -30.62 -9.11
CA TYR A 73 7.89 -31.10 -8.39
C TYR A 73 9.06 -31.33 -9.36
N LYS A 74 10.07 -30.48 -9.27
CA LYS A 74 11.30 -30.71 -10.04
C LYS A 74 12.25 -31.63 -9.29
N GLU A 75 12.71 -31.21 -8.13
CA GLU A 75 13.67 -31.97 -7.34
C GLU A 75 13.55 -31.55 -5.87
N ILE A 76 14.39 -32.14 -5.03
CA ILE A 76 14.28 -31.90 -3.58
C ILE A 76 14.77 -30.49 -3.24
N SER A 77 15.93 -30.10 -3.79
CA SER A 77 16.48 -28.79 -3.45
C SER A 77 15.54 -27.67 -3.86
N VAL A 78 14.91 -27.80 -5.03
CA VAL A 78 13.98 -26.78 -5.49
C VAL A 78 12.66 -26.86 -4.72
N HIS A 79 12.29 -28.06 -4.27
CA HIS A 79 11.05 -28.21 -3.50
C HIS A 79 11.16 -27.48 -2.15
N VAL A 80 12.30 -27.64 -1.46
CA VAL A 80 12.52 -26.90 -0.22
C VAL A 80 12.57 -25.40 -0.50
N PHE A 81 13.23 -25.02 -1.60
CA PHE A 81 13.29 -23.62 -1.99
C PHE A 81 11.89 -23.07 -2.28
N TYR A 82 10.98 -23.92 -2.76
CA TYR A 82 9.61 -23.48 -2.99
C TYR A 82 8.88 -23.28 -1.66
N ARG A 83 9.12 -24.16 -0.68
CA ARG A 83 8.48 -24.01 0.62
C ARG A 83 9.07 -22.87 1.43
N CYS A 84 10.29 -22.44 1.13
CA CYS A 84 10.85 -21.25 1.76
C CYS A 84 10.16 -19.99 1.23
N GLN A 85 9.88 -19.94 -0.07
CA GLN A 85 9.14 -18.81 -0.61
C GLN A 85 7.74 -18.73 -0.02
N CYS A 86 7.16 -19.87 0.34
CA CYS A 86 5.84 -19.86 0.99
C CYS A 86 5.91 -19.21 2.36
N THR A 87 6.96 -19.51 3.12
CA THR A 87 7.14 -18.88 4.43
C THR A 87 7.33 -17.37 4.27
N THR A 88 8.13 -16.95 3.30
CA THR A 88 8.37 -15.52 3.09
C THR A 88 7.08 -14.81 2.71
N VAL A 89 6.34 -15.35 1.73
CA VAL A 89 5.08 -14.75 1.30
C VAL A 89 4.13 -14.62 2.49
N GLU A 90 4.05 -15.66 3.31
CA GLU A 90 3.15 -15.62 4.46
C GLU A 90 3.66 -14.66 5.53
N THR A 91 4.98 -14.65 5.77
CA THR A 91 5.54 -13.74 6.76
C THR A 91 5.43 -12.29 6.31
N VAL A 92 5.47 -12.05 5.00
CA VAL A 92 5.24 -10.70 4.48
C VAL A 92 3.81 -10.28 4.72
N ARG A 93 2.86 -11.21 4.60
CA ARG A 93 1.47 -10.91 4.97
C ARG A 93 1.39 -10.46 6.43
N GLU A 94 2.05 -11.20 7.32
CA GLU A 94 2.01 -10.85 8.74
C GLU A 94 2.72 -9.53 9.00
N LEU A 95 3.87 -9.29 8.35
CA LEU A 95 4.60 -8.05 8.55
C LEU A 95 3.80 -6.85 8.05
N THR A 96 3.08 -7.01 6.95
CA THR A 96 2.25 -5.92 6.44
C THR A 96 1.21 -5.48 7.47
N GLU A 97 0.53 -6.45 8.09
CA GLU A 97 -0.48 -6.10 9.08
C GLU A 97 0.15 -5.62 10.38
N PHE A 98 1.37 -6.07 10.66
CA PHE A 98 2.09 -5.53 11.82
C PHE A 98 2.43 -4.06 11.61
N ALA A 99 2.93 -3.72 10.42
CA ALA A 99 3.24 -2.32 10.12
C ALA A 99 1.98 -1.48 10.06
N LYS A 100 0.93 -2.01 9.42
CA LYS A 100 -0.35 -1.29 9.36
C LYS A 100 -0.93 -1.04 10.74
N SER A 101 -0.60 -1.88 11.72
CA SER A 101 -1.07 -1.69 13.08
C SER A 101 -0.33 -0.58 13.82
N ILE A 102 0.75 -0.06 13.25
CA ILE A 102 1.43 1.12 13.79
C ILE A 102 0.76 2.35 13.18
N PRO A 103 -0.02 3.12 13.96
CA PRO A 103 -0.82 4.20 13.34
C PRO A 103 0.02 5.23 12.60
N SER A 104 1.24 5.49 13.05
CA SER A 104 2.12 6.41 12.33
C SER A 104 2.49 5.85 10.95
N PHE A 105 2.55 4.53 10.83
CA PHE A 105 2.86 3.93 9.54
C PHE A 105 1.68 4.03 8.58
N SER A 106 0.45 3.83 9.08
CA SER A 106 -0.71 3.84 8.20
C SER A 106 -1.01 5.23 7.65
N SER A 107 -0.59 6.28 8.35
CA SER A 107 -0.79 7.64 7.86
C SER A 107 0.06 7.91 6.62
N LEU A 108 1.16 7.19 6.43
CA LEU A 108 1.99 7.34 5.25
C LEU A 108 1.19 6.98 4.00
N PHE A 109 1.43 7.70 2.91
CA PHE A 109 0.78 7.39 1.65
C PHE A 109 1.16 5.98 1.22
N LEU A 110 0.20 5.27 0.61
CA LEU A 110 0.33 3.83 0.42
C LEU A 110 1.59 3.46 -0.35
N ASN A 111 2.05 4.32 -1.25
CA ASN A 111 3.25 4.02 -2.01
C ASN A 111 4.49 4.02 -1.12
N ASP A 112 4.53 4.91 -0.13
CA ASP A 112 5.63 4.92 0.83
C ASP A 112 5.60 3.70 1.74
N GLN A 113 4.40 3.19 2.06
CA GLN A 113 4.31 1.98 2.86
C GLN A 113 4.94 0.80 2.13
N VAL A 114 4.71 0.70 0.82
CA VAL A 114 5.25 -0.42 0.05
C VAL A 114 6.77 -0.34 0.00
N THR A 115 7.32 0.85 -0.20
CA THR A 115 8.76 1.02 -0.25
C THR A 115 9.43 0.53 1.03
N LEU A 116 8.86 0.91 2.18
CA LEU A 116 9.43 0.46 3.45
C LEU A 116 9.40 -1.05 3.56
N LEU A 117 8.27 -1.66 3.20
CA LEU A 117 8.18 -3.13 3.27
C LEU A 117 9.07 -3.78 2.22
N LYS A 118 9.11 -3.23 1.00
CA LYS A 118 9.88 -3.84 -0.09
C LYS A 118 11.34 -4.05 0.31
N TYR A 119 11.98 -3.00 0.82
CA TYR A 119 13.37 -3.08 1.23
C TYR A 119 13.55 -3.47 2.68
N GLY A 120 12.46 -3.78 3.40
CA GLY A 120 12.58 -4.01 4.82
C GLY A 120 12.17 -5.40 5.30
N VAL A 121 11.23 -6.04 4.59
CA VAL A 121 10.65 -7.28 5.08
C VAL A 121 11.73 -8.36 5.25
N HIS A 122 12.70 -8.39 4.34
CA HIS A 122 13.69 -9.46 4.40
C HIS A 122 14.70 -9.24 5.52
N GLU A 123 15.07 -7.99 5.80
CA GLU A 123 15.85 -7.72 7.00
C GLU A 123 15.07 -8.14 8.23
N ALA A 124 13.76 -7.89 8.23
CA ALA A 124 12.92 -8.31 9.35
C ALA A 124 12.80 -9.83 9.40
N ILE A 125 12.68 -10.48 8.24
CA ILE A 125 12.50 -11.93 8.20
C ILE A 125 13.73 -12.63 8.75
N PHE A 126 14.92 -12.20 8.32
CA PHE A 126 16.13 -12.88 8.75
C PHE A 126 16.37 -12.71 10.25
N ALA A 127 15.85 -11.64 10.84
CA ALA A 127 15.95 -11.45 12.29
C ALA A 127 14.93 -12.31 13.02
N MET A 128 13.69 -12.36 12.52
CA MET A 128 12.67 -13.18 13.13
C MET A 128 12.95 -14.67 12.97
N LEU A 129 13.76 -15.06 11.98
CA LEU A 129 14.12 -16.47 11.85
C LEU A 129 14.84 -16.96 13.08
N ALA A 130 15.67 -16.11 13.70
CA ALA A 130 16.44 -16.51 14.87
C ALA A 130 15.55 -16.91 16.04
N SER A 131 14.30 -16.46 16.07
CA SER A 131 13.40 -16.81 17.17
C SER A 131 12.95 -18.26 17.13
N ILE A 132 13.05 -18.92 15.98
CA ILE A 132 12.55 -20.29 15.82
C ILE A 132 13.69 -21.21 15.42
N VAL A 133 14.92 -20.87 15.81
CA VAL A 133 16.11 -21.58 15.38
C VAL A 133 17.01 -21.84 16.59
N ASN A 134 17.55 -23.05 16.66
CA ASN A 134 18.70 -23.36 17.49
C ASN A 134 19.86 -23.78 16.57
N LYS A 135 20.95 -24.23 17.18
CA LYS A 135 22.15 -24.50 16.40
C LYS A 135 21.97 -25.66 15.43
N ASP A 136 20.88 -26.43 15.55
CA ASP A 136 20.71 -27.66 14.81
C ASP A 136 19.57 -27.62 13.79
N GLY A 137 18.86 -26.51 13.67
CA GLY A 137 17.81 -26.39 12.68
C GLY A 137 16.75 -25.42 13.11
N LEU A 138 15.59 -25.50 12.43
CA LEU A 138 14.52 -24.54 12.63
C LEU A 138 13.18 -25.24 12.66
N LEU A 139 12.20 -24.55 13.25
CA LEU A 139 10.83 -25.04 13.29
C LEU A 139 10.09 -24.63 12.04
N VAL A 140 9.19 -25.50 11.55
CA VAL A 140 8.38 -25.23 10.38
C VAL A 140 6.95 -25.68 10.65
N ALA A 141 6.05 -25.23 9.78
CA ALA A 141 4.64 -25.64 9.78
C ALA A 141 3.98 -25.42 11.15
N ASN A 142 3.95 -24.15 11.55
CA ASN A 142 3.31 -23.72 12.79
C ASN A 142 3.85 -24.45 14.01
N GLY A 143 5.13 -24.83 13.96
CA GLY A 143 5.79 -25.49 15.06
C GLY A 143 5.64 -26.99 15.13
N SER A 144 4.93 -27.60 14.18
CA SER A 144 4.69 -29.04 14.19
C SER A 144 5.81 -29.83 13.51
N GLY A 145 6.90 -29.17 13.14
CA GLY A 145 8.02 -29.85 12.51
C GLY A 145 9.31 -29.12 12.76
N PHE A 146 10.42 -29.87 12.70
CA PHE A 146 11.76 -29.33 12.91
C PHE A 146 12.64 -29.78 11.76
N VAL A 147 13.08 -28.83 10.94
CA VAL A 147 13.96 -29.13 9.81
C VAL A 147 15.41 -28.95 10.26
N THR A 148 16.22 -29.97 10.04
CA THR A 148 17.59 -29.96 10.52
C THR A 148 18.47 -29.11 9.61
N ARG A 149 19.56 -28.61 10.20
CA ARG A 149 20.49 -27.77 9.44
C ARG A 149 21.36 -28.61 8.51
N GLU A 150 21.66 -29.85 8.90
CA GLU A 150 22.45 -30.72 8.04
C GLU A 150 21.69 -31.13 6.79
N PHE A 151 20.36 -31.28 6.90
CA PHE A 151 19.54 -31.53 5.72
C PHE A 151 19.44 -30.31 4.83
N LEU A 152 19.52 -29.11 5.41
CA LEU A 152 19.59 -27.90 4.60
C LEU A 152 20.97 -27.74 3.97
N ARG A 153 22.02 -28.13 4.69
CA ARG A 153 23.36 -28.14 4.11
C ARG A 153 23.48 -29.21 3.02
N SER A 154 22.75 -30.32 3.15
CA SER A 154 22.85 -31.40 2.18
C SER A 154 22.27 -31.03 0.83
N LEU A 155 21.44 -29.99 0.75
CA LEU A 155 20.90 -29.54 -0.52
C LEU A 155 22.02 -29.04 -1.43
N ARG A 156 21.76 -29.07 -2.73
CA ARG A 156 22.78 -28.69 -3.71
C ARG A 156 22.89 -27.18 -3.79
N LYS A 157 24.07 -26.72 -4.21
CA LYS A 157 24.26 -25.30 -4.45
C LYS A 157 23.40 -24.89 -5.65
N PRO A 158 22.91 -23.64 -5.67
CA PRO A 158 23.17 -22.56 -4.70
C PRO A 158 22.26 -22.58 -3.47
N PHE A 159 21.34 -23.54 -3.41
CA PHE A 159 20.35 -23.55 -2.32
C PHE A 159 21.01 -23.74 -0.96
N SER A 160 22.16 -24.41 -0.92
CA SER A 160 22.91 -24.52 0.33
C SER A 160 23.66 -23.23 0.66
N ASP A 161 24.09 -22.48 -0.35
CA ASP A 161 24.80 -21.24 -0.10
C ASP A 161 23.85 -20.12 0.33
N ILE A 162 22.55 -20.29 0.13
CA ILE A 162 21.59 -19.26 0.49
C ILE A 162 21.10 -19.41 1.93
N ILE A 163 20.99 -20.64 2.42
CA ILE A 163 20.36 -20.89 3.72
C ILE A 163 21.38 -20.84 4.85
N GLU A 164 22.57 -21.41 4.65
CA GLU A 164 23.55 -21.48 5.72
C GLU A 164 23.96 -20.11 6.29
N PRO A 165 24.19 -19.06 5.48
CA PRO A 165 24.52 -17.76 6.08
C PRO A 165 23.45 -17.23 7.03
N LYS A 166 22.19 -17.56 6.79
CA LYS A 166 21.13 -17.14 7.71
C LYS A 166 21.30 -17.79 9.08
N PHE A 167 21.75 -19.05 9.11
CA PHE A 167 21.99 -19.72 10.38
C PHE A 167 23.10 -19.03 11.16
N GLU A 168 24.19 -18.66 10.48
CA GLU A 168 25.30 -17.99 11.16
C GLU A 168 24.82 -16.73 11.86
N PHE A 169 24.04 -15.90 11.17
CA PHE A 169 23.51 -14.70 11.80
C PHE A 169 22.53 -15.05 12.91
N ALA A 170 21.64 -16.02 12.67
CA ALA A 170 20.60 -16.33 13.64
C ALA A 170 21.18 -16.78 14.97
N VAL A 171 22.32 -17.48 14.94
CA VAL A 171 22.91 -17.98 16.18
C VAL A 171 23.66 -16.85 16.91
N LYS A 172 24.38 -16.00 16.17
CA LYS A 172 25.01 -14.85 16.79
C LYS A 172 23.98 -13.85 17.31
N PHE A 173 22.82 -13.78 16.65
CA PHE A 173 21.77 -12.87 17.09
C PHE A 173 21.10 -13.38 18.37
N ASN A 174 20.99 -14.70 18.51
CA ASN A 174 20.42 -15.27 19.73
C ASN A 174 21.30 -15.07 20.95
N ALA A 175 22.56 -14.65 20.75
CA ALA A 175 23.44 -14.37 21.88
C ALA A 175 23.02 -13.12 22.63
N LEU A 176 22.30 -12.20 21.98
CA LEU A 176 21.80 -11.02 22.66
C LEU A 176 20.64 -11.32 23.60
N GLU A 177 20.06 -12.53 23.53
CA GLU A 177 19.05 -12.98 24.48
C GLU A 177 17.85 -12.03 24.53
N LEU A 178 17.40 -11.60 23.36
CA LEU A 178 16.21 -10.75 23.27
C LEU A 178 14.95 -11.59 23.45
N ASP A 179 13.90 -10.96 23.98
CA ASP A 179 12.57 -11.56 24.01
C ASP A 179 11.67 -10.83 23.01
N ASP A 180 10.38 -11.15 23.07
CA ASP A 180 9.44 -10.61 22.08
C ASP A 180 9.24 -9.12 22.27
N SER A 181 9.25 -8.63 23.51
CA SER A 181 9.07 -7.21 23.73
C SER A 181 10.19 -6.39 23.09
N ASP A 182 11.41 -6.94 23.08
CA ASP A 182 12.52 -6.28 22.39
C ASP A 182 12.34 -6.38 20.88
N LEU A 183 12.06 -7.59 20.38
CA LEU A 183 11.96 -7.80 18.95
C LEU A 183 10.86 -6.96 18.33
N ALA A 184 9.73 -6.79 19.04
CA ALA A 184 8.65 -5.97 18.53
C ALA A 184 9.14 -4.56 18.19
N LEU A 185 9.95 -3.97 19.07
CA LEU A 185 10.54 -2.67 18.78
C LEU A 185 11.69 -2.77 17.79
N PHE A 186 12.34 -3.94 17.73
CA PHE A 186 13.42 -4.12 16.77
C PHE A 186 12.90 -4.25 15.36
N ILE A 187 11.83 -5.02 15.16
CA ILE A 187 11.25 -5.18 13.84
C ILE A 187 10.68 -3.86 13.35
N ALA A 188 9.98 -3.14 14.23
CA ALA A 188 9.38 -1.87 13.83
C ALA A 188 10.43 -0.87 13.38
N ALA A 189 11.63 -0.92 13.98
CA ALA A 189 12.71 -0.03 13.56
C ALA A 189 13.27 -0.41 12.20
N ILE A 190 13.21 -1.70 11.85
CA ILE A 190 13.68 -2.15 10.54
C ILE A 190 12.73 -1.68 9.45
N ILE A 191 11.43 -1.86 9.66
CA ILE A 191 10.44 -1.49 8.65
C ILE A 191 10.44 0.03 8.47
N LEU A 192 10.40 0.78 9.56
CA LEU A 192 10.39 2.24 9.54
C LEU A 192 11.81 2.76 9.42
N CYS A 193 12.40 2.55 8.25
CA CYS A 193 13.77 2.96 7.95
C CYS A 193 13.75 4.14 7.00
N GLY A 194 14.48 5.21 7.36
CA GLY A 194 14.48 6.40 6.53
C GLY A 194 15.38 6.33 5.32
N ASP A 195 16.23 5.31 5.23
CA ASP A 195 17.23 5.22 4.17
C ASP A 195 16.74 4.43 2.97
N ARG A 196 15.47 4.03 2.93
CA ARG A 196 14.99 3.19 1.84
C ARG A 196 15.00 3.96 0.53
N PRO A 197 15.47 3.37 -0.56
CA PRO A 197 15.50 4.09 -1.84
C PRO A 197 14.10 4.36 -2.35
N GLY A 198 13.92 5.54 -2.94
CA GLY A 198 12.64 5.92 -3.50
C GLY A 198 11.63 6.44 -2.49
N LEU A 199 12.05 6.71 -1.26
CA LEU A 199 11.12 7.21 -0.26
C LEU A 199 10.62 8.60 -0.63
N MET A 200 9.31 8.81 -0.47
CA MET A 200 8.70 10.09 -0.81
C MET A 200 8.85 11.10 0.32
N ASN A 201 8.30 10.79 1.49
CA ASN A 201 8.35 11.67 2.66
C ASN A 201 9.47 11.21 3.59
N VAL A 202 10.70 11.56 3.21
CA VAL A 202 11.88 11.10 3.97
C VAL A 202 11.89 11.65 5.40
N PRO A 203 11.67 12.96 5.64
CA PRO A 203 11.76 13.44 7.03
C PRO A 203 10.75 12.80 7.96
N ARG A 204 9.52 12.60 7.49
CA ARG A 204 8.49 11.99 8.33
C ARG A 204 8.92 10.61 8.80
N VAL A 205 9.48 9.80 7.89
CA VAL A 205 9.93 8.46 8.24
C VAL A 205 11.09 8.54 9.24
N GLU A 206 12.07 9.40 8.97
CA GLU A 206 13.22 9.54 9.86
C GLU A 206 12.79 9.93 11.27
N ALA A 207 11.70 10.69 11.38
CA ALA A 207 11.17 11.03 12.69
C ALA A 207 10.56 9.81 13.38
N ILE A 208 9.77 9.03 12.64
CA ILE A 208 9.15 7.84 13.21
C ILE A 208 10.23 6.85 13.65
N GLN A 209 11.25 6.66 12.81
CA GLN A 209 12.34 5.76 13.19
C GLN A 209 13.03 6.26 14.45
N ASP A 210 13.30 7.57 14.52
CA ASP A 210 13.93 8.13 15.71
C ASP A 210 13.07 7.90 16.96
N THR A 211 11.75 7.91 16.80
CA THR A 211 10.87 7.63 17.93
C THR A 211 10.95 6.17 18.36
N ILE A 212 10.96 5.25 17.39
CA ILE A 212 11.03 3.83 17.72
C ILE A 212 12.35 3.49 18.39
N LEU A 213 13.46 4.04 17.87
CA LEU A 213 14.76 3.76 18.46
C LEU A 213 14.86 4.34 19.86
N ARG A 214 14.28 5.52 20.09
CA ARG A 214 14.18 6.03 21.46
C ARG A 214 13.35 5.11 22.32
N ALA A 215 12.21 4.64 21.80
CA ALA A 215 11.38 3.70 22.54
C ALA A 215 12.12 2.39 22.77
N LEU A 216 12.91 1.94 21.80
CA LEU A 216 13.68 0.71 21.96
C LEU A 216 14.76 0.87 23.01
N GLU A 217 15.57 1.93 22.90
CA GLU A 217 16.63 2.17 23.87
C GLU A 217 16.07 2.30 25.29
N PHE A 218 14.96 3.04 25.43
CA PHE A 218 14.33 3.20 26.73
C PHE A 218 13.79 1.87 27.25
N HIS A 219 13.23 1.06 26.35
CA HIS A 219 12.74 -0.26 26.74
C HIS A 219 13.87 -1.23 27.06
N LEU A 220 15.05 -1.05 26.47
CA LEU A 220 16.15 -1.97 26.72
C LEU A 220 16.72 -1.79 28.12
N GLN A 221 16.94 -0.55 28.55
CA GLN A 221 17.49 -0.31 29.87
C GLN A 221 16.51 -0.67 30.98
N ALA A 222 15.22 -0.70 30.69
CA ALA A 222 14.24 -1.13 31.70
C ALA A 222 14.09 -2.65 31.73
N ASN A 223 14.16 -3.30 30.57
CA ASN A 223 13.99 -4.75 30.48
C ASN A 223 15.30 -5.50 30.66
N HIS A 224 16.42 -4.95 30.20
CA HIS A 224 17.74 -5.54 30.35
C HIS A 224 18.62 -4.58 31.13
N PRO A 225 18.37 -4.40 32.43
CA PRO A 225 19.10 -3.36 33.16
C PRO A 225 20.59 -3.63 33.27
N ASP A 226 20.99 -4.89 33.21
CA ASP A 226 22.39 -5.27 33.33
C ASP A 226 23.08 -5.46 31.98
N ALA A 227 22.33 -5.41 30.88
CA ALA A 227 22.92 -5.65 29.57
C ALA A 227 23.78 -4.46 29.17
N GLN A 228 25.09 -4.67 29.08
CA GLN A 228 26.02 -3.61 28.72
C GLN A 228 26.10 -3.47 27.21
N TYR A 229 26.03 -2.23 26.73
CA TYR A 229 26.17 -1.91 25.31
C TYR A 229 25.14 -2.64 24.45
N LEU A 230 23.95 -2.86 24.98
CA LEU A 230 22.95 -3.65 24.24
C LEU A 230 22.40 -2.87 23.06
N PHE A 231 22.04 -1.60 23.27
CA PHE A 231 21.48 -0.80 22.19
C PHE A 231 22.45 -0.58 21.05
N PRO A 232 23.71 -0.16 21.27
CA PRO A 232 24.62 -0.04 20.11
C PRO A 232 24.96 -1.37 19.48
N LYS A 233 24.88 -2.47 20.24
CA LYS A 233 25.04 -3.79 19.64
C LYS A 233 23.91 -4.10 18.66
N LEU A 234 22.68 -3.73 19.02
CA LEU A 234 21.54 -3.97 18.13
C LEU A 234 21.62 -3.10 16.88
N LEU A 235 22.16 -1.89 17.00
CA LEU A 235 22.36 -1.05 15.82
C LEU A 235 23.35 -1.70 14.85
N GLN A 236 24.35 -2.39 15.38
CA GLN A 236 25.25 -3.15 14.52
C GLN A 236 24.52 -4.29 13.83
N LYS A 237 23.61 -4.96 14.55
CA LYS A 237 22.84 -6.02 13.94
C LYS A 237 21.97 -5.50 12.80
N MET A 238 21.42 -4.28 12.95
CA MET A 238 20.65 -3.69 11.87
C MET A 238 21.51 -3.49 10.64
N ALA A 239 22.72 -2.99 10.83
CA ALA A 239 23.67 -2.89 9.72
C ALA A 239 24.05 -4.27 9.21
N ASP A 240 24.25 -5.23 10.13
CA ASP A 240 24.55 -6.59 9.73
C ASP A 240 23.44 -7.18 8.86
N LEU A 241 22.19 -6.89 9.21
CA LEU A 241 21.06 -7.38 8.42
C LEU A 241 21.01 -6.74 7.04
N ARG A 242 21.37 -5.46 6.94
CA ARG A 242 21.39 -4.80 5.64
C ARG A 242 22.43 -5.44 4.72
N GLN A 243 23.55 -5.89 5.29
CA GLN A 243 24.57 -6.61 4.52
C GLN A 243 24.06 -7.99 4.13
N LEU A 244 23.37 -8.67 5.04
CA LEU A 244 22.89 -10.03 4.76
C LEU A 244 21.89 -10.05 3.61
N VAL A 245 20.99 -9.07 3.58
CA VAL A 245 19.97 -9.03 2.54
C VAL A 245 20.58 -8.65 1.20
N THR A 246 21.51 -7.69 1.21
CA THR A 246 22.22 -7.34 -0.02
C THR A 246 22.90 -8.57 -0.62
N GLU A 247 23.56 -9.37 0.23
CA GLU A 247 24.17 -10.61 -0.25
C GLU A 247 23.11 -11.62 -0.64
N HIS A 248 22.01 -11.68 0.11
CA HIS A 248 20.93 -12.59 -0.24
C HIS A 248 20.26 -12.19 -1.55
N ALA A 249 20.15 -10.88 -1.81
CA ALA A 249 19.52 -10.44 -3.05
C ALA A 249 20.35 -10.86 -4.26
N GLN A 250 21.68 -10.78 -4.17
CA GLN A 250 22.53 -11.19 -5.28
C GLN A 250 22.39 -12.67 -5.56
N MET A 251 22.34 -13.50 -4.51
CA MET A 251 22.19 -14.94 -4.72
C MET A 251 20.87 -15.27 -5.40
N MET A 252 19.80 -14.54 -5.05
CA MET A 252 18.51 -14.77 -5.69
C MET A 252 18.54 -14.38 -7.16
N GLN A 253 19.27 -13.31 -7.50
CA GLN A 253 19.35 -12.86 -8.88
C GLN A 253 20.10 -13.87 -9.75
N ARG A 254 21.18 -14.46 -9.22
CA ARG A 254 21.88 -15.49 -9.98
C ARG A 254 21.01 -16.71 -10.17
N ILE A 255 20.15 -17.01 -9.19
CA ILE A 255 19.20 -18.12 -9.35
C ILE A 255 18.24 -17.83 -10.49
N LYS A 256 17.74 -16.60 -10.56
CA LYS A 256 16.78 -16.24 -11.61
C LYS A 256 17.42 -16.27 -12.99
N LYS A 257 18.75 -16.25 -13.08
CA LYS A 257 19.41 -16.35 -14.38
C LYS A 257 19.87 -17.78 -14.67
N THR A 258 20.54 -18.41 -13.70
CA THR A 258 21.12 -19.73 -13.93
C THR A 258 20.05 -20.81 -14.01
N GLU A 259 19.13 -20.82 -13.05
CA GLU A 259 18.15 -21.90 -12.92
C GLU A 259 16.88 -21.50 -13.66
N THR A 260 16.74 -21.98 -14.90
CA THR A 260 15.54 -21.68 -15.68
C THR A 260 14.34 -22.47 -15.17
N GLU A 261 14.57 -23.70 -14.68
CA GLU A 261 13.46 -24.55 -14.25
C GLU A 261 12.80 -24.03 -12.98
N THR A 262 13.57 -23.42 -12.08
CA THR A 262 13.02 -22.94 -10.82
C THR A 262 12.33 -21.59 -11.03
N SER A 263 11.07 -21.50 -10.64
CA SER A 263 10.29 -20.27 -10.77
C SER A 263 10.29 -19.50 -9.46
N LEU A 264 10.17 -18.18 -9.57
CA LEU A 264 10.15 -17.30 -8.42
C LEU A 264 8.73 -16.80 -8.19
N HIS A 265 8.36 -16.68 -6.92
CA HIS A 265 7.06 -16.11 -6.59
C HIS A 265 7.02 -14.65 -7.07
N PRO A 266 5.93 -14.22 -7.71
CA PRO A 266 5.91 -12.84 -8.24
C PRO A 266 6.14 -11.78 -7.19
N LEU A 267 5.79 -12.02 -5.94
CA LEU A 267 6.05 -11.05 -4.88
C LEU A 267 7.54 -10.92 -4.61
N LEU A 268 8.31 -12.00 -4.79
CA LEU A 268 9.76 -11.90 -4.66
C LEU A 268 10.39 -11.33 -5.92
N GLN A 269 9.75 -11.50 -7.08
CA GLN A 269 10.27 -10.88 -8.29
C GLN A 269 10.20 -9.36 -8.21
N GLU A 270 9.16 -8.83 -7.56
CA GLU A 270 9.03 -7.38 -7.43
C GLU A 270 10.03 -6.82 -6.42
N ILE A 271 10.32 -7.57 -5.36
CA ILE A 271 11.25 -7.11 -4.34
C ILE A 271 12.67 -7.05 -4.89
N TYR A 272 13.12 -8.14 -5.51
CA TYR A 272 14.49 -8.23 -6.02
C TYR A 272 14.66 -7.61 -7.39
N LYS A 273 13.67 -6.85 -7.86
CA LYS A 273 13.76 -6.27 -9.19
C LYS A 273 14.88 -5.24 -9.28
N ASP A 274 15.06 -4.44 -8.22
CA ASP A 274 15.98 -3.30 -8.25
C ASP A 274 17.07 -3.39 -7.19
N MET A 275 17.13 -4.47 -6.41
CA MET A 275 18.10 -4.57 -5.33
C MET A 275 19.48 -4.90 -5.86
N TYR A 276 20.45 -4.05 -5.51
CA TYR A 276 21.85 -4.26 -5.90
C TYR A 276 22.77 -4.15 -4.69
N VAL B 7 -27.20 -13.57 -6.53
CA VAL B 7 -28.12 -12.45 -6.64
C VAL B 7 -28.07 -11.62 -5.36
N ALA B 8 -28.31 -12.28 -4.23
CA ALA B 8 -28.22 -11.62 -2.92
C ALA B 8 -26.80 -11.33 -2.51
N ASP B 9 -25.79 -11.79 -3.27
CA ASP B 9 -24.42 -11.40 -3.02
C ASP B 9 -24.11 -10.04 -3.63
N LEU B 10 -24.56 -9.81 -4.87
CA LEU B 10 -24.36 -8.50 -5.48
C LEU B 10 -25.14 -7.41 -4.74
N LYS B 11 -26.30 -7.74 -4.19
CA LYS B 11 -27.05 -6.77 -3.39
C LYS B 11 -26.28 -6.42 -2.13
N ALA B 12 -25.64 -7.41 -1.50
CA ALA B 12 -24.82 -7.15 -0.33
C ALA B 12 -23.53 -6.41 -0.71
N PHE B 13 -22.96 -6.75 -1.87
CA PHE B 13 -21.76 -6.08 -2.33
C PHE B 13 -22.02 -4.59 -2.59
N SER B 14 -23.16 -4.27 -3.20
CA SER B 14 -23.49 -2.87 -3.45
C SER B 14 -23.69 -2.11 -2.15
N LYS B 15 -24.34 -2.75 -1.17
CA LYS B 15 -24.62 -2.07 0.09
C LYS B 15 -23.33 -1.77 0.84
N HIS B 16 -22.33 -2.66 0.75
CA HIS B 16 -21.08 -2.46 1.48
C HIS B 16 -20.21 -1.40 0.82
N ILE B 17 -20.15 -1.38 -0.51
CA ILE B 17 -19.35 -0.38 -1.21
C ILE B 17 -19.95 1.01 -1.03
N TYR B 18 -21.28 1.11 -1.10
CA TYR B 18 -21.94 2.38 -0.82
C TYR B 18 -21.64 2.85 0.60
N ASN B 19 -21.52 1.93 1.56
CA ASN B 19 -21.18 2.34 2.92
C ASN B 19 -19.75 2.85 3.01
N ALA B 20 -18.82 2.22 2.29
CA ALA B 20 -17.45 2.73 2.23
C ALA B 20 -17.41 4.11 1.60
N TYR B 21 -18.21 4.31 0.55
CA TYR B 21 -18.28 5.59 -0.14
C TYR B 21 -18.72 6.70 0.80
N LEU B 22 -19.87 6.51 1.47
CA LEU B 22 -20.38 7.53 2.38
C LEU B 22 -19.47 7.73 3.58
N LYS B 23 -18.68 6.72 3.92
CA LYS B 23 -17.84 6.76 5.11
C LYS B 23 -16.57 7.60 4.89
N ASN B 24 -16.06 7.66 3.66
CA ASN B 24 -14.71 8.18 3.42
C ASN B 24 -14.65 9.42 2.54
N PHE B 25 -15.65 9.68 1.70
CA PHE B 25 -15.61 10.82 0.79
C PHE B 25 -16.27 12.03 1.43
N ASN B 26 -15.60 13.18 1.35
CA ASN B 26 -16.02 14.39 2.04
C ASN B 26 -17.23 15.07 1.40
N MET B 27 -17.52 14.76 0.13
CA MET B 27 -18.59 15.45 -0.59
C MET B 27 -19.32 14.45 -1.47
N THR B 28 -20.61 14.28 -1.21
CA THR B 28 -21.47 13.45 -2.05
C THR B 28 -22.11 14.31 -3.12
N LYS B 29 -22.61 13.64 -4.17
CA LYS B 29 -23.35 14.37 -5.20
C LYS B 29 -24.66 14.90 -4.64
N LYS B 30 -25.20 14.26 -3.59
CA LYS B 30 -26.41 14.75 -2.95
C LYS B 30 -26.15 16.05 -2.19
N LYS B 31 -25.08 16.05 -1.38
CA LYS B 31 -24.71 17.26 -0.65
C LYS B 31 -24.39 18.40 -1.61
N ALA B 32 -23.87 18.10 -2.80
CA ALA B 32 -23.49 19.15 -3.73
C ALA B 32 -24.69 19.71 -4.48
N ARG B 33 -25.62 18.84 -4.90
CA ARG B 33 -26.86 19.34 -5.50
C ARG B 33 -27.65 20.19 -4.52
N SER B 34 -27.57 19.88 -3.22
CA SER B 34 -28.23 20.71 -2.22
C SER B 34 -27.66 22.12 -2.22
N ILE B 35 -26.32 22.23 -2.25
CA ILE B 35 -25.69 23.54 -2.18
C ILE B 35 -25.93 24.32 -3.47
N LEU B 36 -25.70 23.68 -4.62
CA LEU B 36 -25.85 24.34 -5.91
C LEU B 36 -27.31 24.68 -6.23
N THR B 37 -28.27 24.21 -5.42
CA THR B 37 -29.67 24.59 -5.57
C THR B 37 -30.17 25.43 -4.40
N GLY B 38 -29.28 25.80 -3.48
CA GLY B 38 -29.67 26.66 -2.37
C GLY B 38 -30.63 26.06 -1.39
N LYS B 39 -30.53 24.76 -1.12
CA LYS B 39 -31.40 24.08 -0.17
C LYS B 39 -30.62 23.45 0.99
N ALA B 40 -29.32 23.73 1.10
CA ALA B 40 -28.51 23.19 2.20
C ALA B 40 -28.48 24.16 3.39
N ALA B 44 -24.75 30.12 2.04
CA ALA B 44 -24.40 30.25 0.63
C ALA B 44 -22.89 30.25 0.42
N PRO B 45 -22.43 29.49 -0.57
CA PRO B 45 -20.98 29.46 -0.85
C PRO B 45 -20.51 30.78 -1.42
N PHE B 46 -19.32 31.20 -0.98
CA PHE B 46 -18.73 32.45 -1.45
C PHE B 46 -18.19 32.28 -2.85
N VAL B 47 -18.67 33.10 -3.78
CA VAL B 47 -18.33 32.98 -5.20
C VAL B 47 -16.95 33.59 -5.43
N ILE B 48 -16.05 32.79 -6.00
CA ILE B 48 -14.69 33.21 -6.32
C ILE B 48 -14.64 33.40 -7.84
N HIS B 49 -14.60 34.66 -8.29
CA HIS B 49 -14.62 34.96 -9.71
C HIS B 49 -13.48 35.84 -10.20
N ASP B 50 -12.63 36.35 -9.31
CA ASP B 50 -11.49 37.17 -9.72
C ASP B 50 -10.45 37.18 -8.61
N ILE B 51 -9.35 37.89 -8.87
CA ILE B 51 -8.27 37.98 -7.89
C ILE B 51 -8.76 38.61 -6.59
N GLU B 52 -9.72 39.53 -6.68
CA GLU B 52 -10.27 40.17 -5.49
C GLU B 52 -10.91 39.13 -4.56
N THR B 53 -11.91 38.41 -5.07
CA THR B 53 -12.63 37.42 -4.26
C THR B 53 -11.76 36.22 -3.89
N LEU B 54 -10.73 35.92 -4.68
CA LEU B 54 -9.84 34.82 -4.33
C LEU B 54 -8.98 35.18 -3.12
N TRP B 55 -8.49 36.41 -3.07
CA TRP B 55 -7.70 36.85 -1.93
C TRP B 55 -8.54 36.89 -0.66
N GLN B 56 -9.77 37.39 -0.75
CA GLN B 56 -10.68 37.36 0.39
C GLN B 56 -10.94 35.91 0.82
N ALA B 57 -11.13 35.01 -0.15
CA ALA B 57 -11.36 33.61 0.18
C ALA B 57 -10.15 33.01 0.89
N GLU B 58 -8.95 33.31 0.39
CA GLU B 58 -7.73 32.81 1.04
C GLU B 58 -7.57 33.33 2.46
N LYS B 59 -8.22 34.44 2.79
CA LYS B 59 -8.23 34.94 4.16
C LYS B 59 -9.44 34.45 4.96
N GLY B 60 -10.60 34.37 4.30
CA GLY B 60 -11.84 34.09 5.00
C GLY B 60 -12.30 32.64 5.03
N LEU B 61 -12.00 31.88 3.97
CA LEU B 61 -12.45 30.49 3.90
C LEU B 61 -11.55 29.58 4.72
N VAL B 62 -12.15 28.52 5.25
CA VAL B 62 -11.45 27.55 6.10
C VAL B 62 -11.00 26.40 5.20
N TRP B 63 -9.82 26.58 4.60
CA TRP B 63 -9.25 25.56 3.72
C TRP B 63 -8.75 24.37 4.51
N PRO B 71 3.28 27.31 0.29
CA PRO B 71 4.19 27.46 -0.85
C PRO B 71 4.40 28.92 -1.26
N PRO B 72 5.58 29.24 -1.77
CA PRO B 72 5.87 30.64 -2.15
C PRO B 72 4.97 31.09 -3.28
N TYR B 73 4.26 32.20 -3.06
CA TYR B 73 3.33 32.72 -4.05
C TYR B 73 4.10 33.21 -5.27
N LYS B 74 3.98 32.48 -6.38
CA LYS B 74 4.63 32.87 -7.62
C LYS B 74 3.75 33.80 -8.45
N GLU B 75 2.53 33.37 -8.74
CA GLU B 75 1.59 34.18 -9.50
C GLU B 75 0.19 33.61 -9.29
N ILE B 76 -0.78 34.12 -10.05
CA ILE B 76 -2.18 33.80 -9.80
C ILE B 76 -2.52 32.41 -10.35
N SER B 77 -2.09 32.12 -11.57
CA SER B 77 -2.39 30.83 -12.16
C SER B 77 -1.66 29.71 -11.44
N VAL B 78 -0.44 29.97 -10.96
CA VAL B 78 0.32 28.97 -10.25
C VAL B 78 -0.27 28.75 -8.85
N HIS B 79 -0.87 29.79 -8.28
CA HIS B 79 -1.50 29.64 -6.97
C HIS B 79 -2.73 28.72 -7.07
N VAL B 80 -3.57 28.94 -8.08
CA VAL B 80 -4.71 28.06 -8.29
C VAL B 80 -4.24 26.63 -8.57
N PHE B 81 -3.13 26.50 -9.30
CA PHE B 81 -2.60 25.17 -9.60
C PHE B 81 -2.22 24.42 -8.33
N TYR B 82 -1.68 25.14 -7.34
CA TYR B 82 -1.36 24.50 -6.07
C TYR B 82 -2.63 24.11 -5.31
N ARG B 83 -3.68 24.93 -5.40
CA ARG B 83 -4.95 24.57 -4.79
C ARG B 83 -5.53 23.31 -5.43
N CYS B 84 -5.33 23.13 -6.73
CA CYS B 84 -5.81 21.92 -7.40
C CYS B 84 -5.05 20.70 -6.90
N GLN B 85 -3.73 20.81 -6.75
CA GLN B 85 -2.96 19.68 -6.26
C GLN B 85 -3.37 19.29 -4.85
N CYS B 86 -3.72 20.28 -4.02
CA CYS B 86 -4.21 19.99 -2.68
C CYS B 86 -5.47 19.15 -2.73
N THR B 87 -6.40 19.50 -3.62
CA THR B 87 -7.61 18.72 -3.80
C THR B 87 -7.28 17.28 -4.20
N THR B 88 -6.38 17.11 -5.16
CA THR B 88 -6.01 15.78 -5.60
C THR B 88 -5.36 14.97 -4.48
N VAL B 89 -4.39 15.57 -3.79
CA VAL B 89 -3.71 14.89 -2.69
C VAL B 89 -4.71 14.50 -1.61
N GLU B 90 -5.63 15.40 -1.28
CA GLU B 90 -6.62 15.09 -0.25
C GLU B 90 -7.59 14.02 -0.73
N THR B 91 -7.99 14.06 -2.01
CA THR B 91 -8.90 13.05 -2.53
C THR B 91 -8.24 11.69 -2.60
N VAL B 92 -6.94 11.66 -2.90
CA VAL B 92 -6.20 10.41 -2.92
C VAL B 92 -6.18 9.78 -1.52
N ARG B 93 -6.13 10.61 -0.47
CA ARG B 93 -6.29 10.07 0.88
C ARG B 93 -7.63 9.36 1.02
N GLU B 94 -8.70 10.00 0.56
CA GLU B 94 -10.03 9.39 0.67
C GLU B 94 -10.17 8.18 -0.23
N LEU B 95 -9.66 8.28 -1.47
CA LEU B 95 -9.77 7.16 -2.40
C LEU B 95 -9.02 5.93 -1.90
N THR B 96 -7.95 6.13 -1.13
CA THR B 96 -7.26 5.00 -0.52
C THR B 96 -8.15 4.33 0.54
N GLU B 97 -8.75 5.13 1.41
CA GLU B 97 -9.59 4.56 2.46
C GLU B 97 -10.87 3.95 1.90
N PHE B 98 -11.33 4.44 0.75
CA PHE B 98 -12.49 3.82 0.10
C PHE B 98 -12.12 2.44 -0.45
N ALA B 99 -11.00 2.36 -1.16
CA ALA B 99 -10.56 1.07 -1.69
C ALA B 99 -10.16 0.12 -0.57
N LYS B 100 -9.46 0.62 0.44
CA LYS B 100 -9.10 -0.21 1.60
C LYS B 100 -10.35 -0.74 2.30
N SER B 101 -11.45 -0.01 2.27
CA SER B 101 -12.68 -0.46 2.90
C SER B 101 -13.36 -1.59 2.12
N ILE B 102 -12.88 -1.91 0.92
CA ILE B 102 -13.40 -3.03 0.15
C ILE B 102 -12.58 -4.26 0.50
N PRO B 103 -13.19 -5.33 1.03
CA PRO B 103 -12.38 -6.49 1.46
C PRO B 103 -11.58 -7.12 0.32
N SER B 104 -12.16 -7.20 -0.87
CA SER B 104 -11.45 -7.80 -2.00
C SER B 104 -10.20 -6.99 -2.33
N PHE B 105 -10.27 -5.67 -2.19
CA PHE B 105 -9.11 -4.83 -2.47
C PHE B 105 -8.02 -5.03 -1.43
N SER B 106 -8.39 -5.01 -0.14
CA SER B 106 -7.41 -5.19 0.93
C SER B 106 -6.82 -6.59 0.93
N SER B 107 -7.48 -7.56 0.30
CA SER B 107 -6.91 -8.90 0.19
C SER B 107 -5.70 -8.92 -0.73
N LEU B 108 -5.68 -8.05 -1.74
CA LEU B 108 -4.54 -7.98 -2.65
C LEU B 108 -3.30 -7.54 -1.89
N PHE B 109 -2.14 -7.98 -2.38
CA PHE B 109 -0.88 -7.57 -1.78
C PHE B 109 -0.73 -6.06 -1.91
N LEU B 110 -0.04 -5.45 -0.94
CA LEU B 110 -0.07 -4.00 -0.80
C LEU B 110 0.50 -3.29 -2.03
N ASN B 111 1.44 -3.92 -2.75
CA ASN B 111 2.00 -3.25 -3.93
C ASN B 111 1.03 -3.27 -5.10
N ASP B 112 0.23 -4.34 -5.22
CA ASP B 112 -0.84 -4.34 -6.21
C ASP B 112 -1.88 -3.27 -5.90
N GLN B 113 -2.10 -2.97 -4.61
CA GLN B 113 -3.03 -1.90 -4.27
C GLN B 113 -2.51 -0.56 -4.75
N VAL B 114 -1.20 -0.33 -4.60
CA VAL B 114 -0.61 0.93 -5.05
C VAL B 114 -0.69 1.04 -6.57
N THR B 115 -0.42 -0.06 -7.27
CA THR B 115 -0.56 -0.06 -8.72
C THR B 115 -1.96 0.36 -9.15
N LEU B 116 -2.98 -0.19 -8.48
CA LEU B 116 -4.35 0.17 -8.79
C LEU B 116 -4.61 1.64 -8.53
N LEU B 117 -4.18 2.13 -7.36
CA LEU B 117 -4.39 3.54 -7.03
C LEU B 117 -3.56 4.45 -7.93
N LYS B 118 -2.33 4.06 -8.25
CA LYS B 118 -1.46 4.89 -9.07
C LYS B 118 -2.11 5.21 -10.41
N TYR B 119 -2.65 4.21 -11.09
CA TYR B 119 -3.29 4.38 -12.38
C TYR B 119 -4.80 4.58 -12.27
N GLY B 120 -5.35 4.62 -11.06
CA GLY B 120 -6.79 4.64 -10.91
C GLY B 120 -7.38 5.93 -10.36
N VAL B 121 -6.66 6.59 -9.43
CA VAL B 121 -7.24 7.70 -8.69
C VAL B 121 -7.66 8.84 -9.60
N HIS B 122 -6.90 9.10 -10.67
CA HIS B 122 -7.20 10.27 -11.49
C HIS B 122 -8.42 10.03 -12.37
N GLU B 123 -8.64 8.81 -12.86
CA GLU B 123 -9.92 8.51 -13.50
C GLU B 123 -11.06 8.73 -12.52
N ALA B 124 -10.90 8.26 -11.28
CA ALA B 124 -11.95 8.40 -10.28
C ALA B 124 -12.14 9.85 -9.87
N ILE B 125 -11.07 10.64 -9.87
CA ILE B 125 -11.17 12.04 -9.47
C ILE B 125 -12.03 12.81 -10.46
N PHE B 126 -11.78 12.62 -11.76
CA PHE B 126 -12.51 13.38 -12.76
C PHE B 126 -13.97 12.95 -12.84
N ALA B 127 -14.27 11.71 -12.46
CA ALA B 127 -15.66 11.29 -12.38
C ALA B 127 -16.35 11.93 -11.18
N MET B 128 -15.72 11.89 -10.02
CA MET B 128 -16.28 12.53 -8.83
C MET B 128 -16.31 14.04 -8.96
N LEU B 129 -15.47 14.63 -9.81
CA LEU B 129 -15.51 16.09 -9.98
C LEU B 129 -16.81 16.55 -10.59
N ALA B 130 -17.43 15.71 -11.43
CA ALA B 130 -18.73 16.04 -11.99
C ALA B 130 -19.80 16.14 -10.91
N SER B 131 -19.59 15.51 -9.75
CA SER B 131 -20.58 15.54 -8.69
C SER B 131 -20.68 16.89 -7.99
N ILE B 132 -19.72 17.80 -8.22
CA ILE B 132 -19.68 19.09 -7.53
C ILE B 132 -19.54 20.21 -8.53
N VAL B 133 -20.23 20.10 -9.67
CA VAL B 133 -20.02 21.02 -10.79
C VAL B 133 -21.35 21.24 -11.50
N ASN B 134 -21.60 22.49 -11.88
CA ASN B 134 -22.57 22.84 -12.91
C ASN B 134 -21.83 23.48 -14.07
N LYS B 135 -22.57 23.88 -15.08
CA LYS B 135 -21.89 24.44 -16.26
C LYS B 135 -21.30 25.82 -16.02
N ASP B 136 -21.27 26.35 -14.79
CA ASP B 136 -20.75 27.68 -14.53
C ASP B 136 -19.57 27.70 -13.56
N GLY B 137 -19.29 26.61 -12.86
CA GLY B 137 -18.19 26.60 -11.92
C GLY B 137 -18.23 25.36 -11.06
N LEU B 138 -17.41 25.36 -10.01
CA LEU B 138 -17.28 24.21 -9.13
C LEU B 138 -17.21 24.64 -7.68
N LEU B 139 -17.52 23.68 -6.80
CA LEU B 139 -17.49 23.90 -5.36
C LEU B 139 -16.10 23.61 -4.82
N VAL B 140 -15.58 24.52 -3.99
CA VAL B 140 -14.26 24.37 -3.41
C VAL B 140 -14.36 24.53 -1.89
N ALA B 141 -13.41 23.92 -1.19
CA ALA B 141 -13.25 24.06 0.26
C ALA B 141 -14.52 23.60 1.00
N ASN B 142 -14.74 22.29 0.94
CA ASN B 142 -15.82 21.64 1.68
C ASN B 142 -17.18 22.26 1.37
N GLY B 143 -17.38 22.66 0.11
CA GLY B 143 -18.62 23.24 -0.32
C GLY B 143 -18.85 24.68 0.08
N SER B 144 -17.96 25.28 0.88
CA SER B 144 -18.11 26.63 1.35
C SER B 144 -17.74 27.69 0.32
N GLY B 145 -17.26 27.30 -0.85
CA GLY B 145 -16.91 28.25 -1.88
C GLY B 145 -17.25 27.72 -3.25
N PHE B 146 -17.48 28.63 -4.19
CA PHE B 146 -17.85 28.29 -5.57
C PHE B 146 -16.96 29.07 -6.51
N VAL B 147 -16.07 28.37 -7.21
CA VAL B 147 -15.16 29.01 -8.16
C VAL B 147 -15.80 28.96 -9.54
N THR B 148 -15.98 30.12 -10.15
CA THR B 148 -16.64 30.20 -11.45
C THR B 148 -15.76 29.62 -12.54
N ARG B 149 -16.40 29.03 -13.55
CA ARG B 149 -15.68 28.45 -14.67
C ARG B 149 -15.02 29.52 -15.52
N GLU B 150 -15.61 30.72 -15.58
CA GLU B 150 -15.04 31.79 -16.38
C GLU B 150 -13.74 32.31 -15.78
N PHE B 151 -13.63 32.32 -14.45
CA PHE B 151 -12.38 32.68 -13.80
C PHE B 151 -11.30 31.63 -14.07
N LEU B 152 -11.69 30.35 -14.07
CA LEU B 152 -10.76 29.30 -14.43
C LEU B 152 -10.36 29.40 -15.90
N ARG B 153 -11.30 29.75 -16.77
CA ARG B 153 -10.98 29.95 -18.18
C ARG B 153 -9.97 31.08 -18.36
N SER B 154 -10.00 32.09 -17.48
CA SER B 154 -9.16 33.27 -17.63
C SER B 154 -7.74 33.09 -17.11
N LEU B 155 -7.43 31.96 -16.48
CA LEU B 155 -6.04 31.69 -16.12
C LEU B 155 -5.20 31.52 -17.38
N ARG B 156 -3.90 31.69 -17.23
CA ARG B 156 -3.02 31.60 -18.39
C ARG B 156 -2.70 30.14 -18.70
N LYS B 157 -2.42 29.88 -19.97
CA LYS B 157 -2.04 28.54 -20.39
C LYS B 157 -0.71 28.15 -19.74
N PRO B 158 -0.48 26.86 -19.50
CA PRO B 158 -1.32 25.71 -19.83
C PRO B 158 -2.43 25.44 -18.83
N PHE B 159 -2.44 26.19 -17.73
CA PHE B 159 -3.36 25.92 -16.63
C PHE B 159 -4.82 26.06 -17.08
N SER B 160 -5.08 26.88 -18.10
CA SER B 160 -6.43 26.95 -18.65
C SER B 160 -6.79 25.69 -19.40
N ASP B 161 -5.88 25.23 -20.28
CA ASP B 161 -6.15 24.06 -21.10
C ASP B 161 -6.23 22.78 -20.27
N ILE B 162 -5.72 22.79 -19.03
CA ILE B 162 -5.79 21.58 -18.22
C ILE B 162 -7.16 21.44 -17.58
N ILE B 163 -7.74 22.53 -17.10
CA ILE B 163 -8.98 22.50 -16.34
C ILE B 163 -10.21 22.40 -17.25
N GLU B 164 -10.19 23.06 -18.40
CA GLU B 164 -11.40 23.14 -19.23
C GLU B 164 -11.95 21.79 -19.68
N PRO B 165 -11.15 20.83 -20.16
CA PRO B 165 -11.75 19.56 -20.60
C PRO B 165 -12.48 18.81 -19.50
N LYS B 166 -12.13 19.05 -18.23
CA LYS B 166 -12.79 18.39 -17.13
C LYS B 166 -14.22 18.89 -16.96
N PHE B 167 -14.47 20.16 -17.29
CA PHE B 167 -15.84 20.65 -17.34
C PHE B 167 -16.60 20.01 -18.49
N GLU B 168 -16.03 20.04 -19.71
CA GLU B 168 -16.70 19.47 -20.87
C GLU B 168 -17.04 18.00 -20.64
N PHE B 169 -16.18 17.28 -19.92
CA PHE B 169 -16.51 15.91 -19.55
C PHE B 169 -17.60 15.88 -18.49
N ALA B 170 -17.44 16.69 -17.44
CA ALA B 170 -18.37 16.64 -16.31
C ALA B 170 -19.79 16.98 -16.74
N VAL B 171 -19.95 17.80 -17.78
CA VAL B 171 -21.29 18.13 -18.25
C VAL B 171 -21.95 16.93 -18.91
N LYS B 172 -21.23 16.29 -19.84
CA LYS B 172 -21.77 15.10 -20.51
C LYS B 172 -21.97 13.96 -19.53
N PHE B 173 -21.13 13.87 -18.49
CA PHE B 173 -21.27 12.79 -17.52
C PHE B 173 -22.49 13.03 -16.61
N ASN B 174 -22.74 14.29 -16.25
CA ASN B 174 -23.90 14.60 -15.44
C ASN B 174 -25.22 14.41 -16.18
N ALA B 175 -25.17 14.24 -17.50
CA ALA B 175 -26.40 13.95 -18.24
C ALA B 175 -26.97 12.58 -17.86
N LEU B 176 -26.12 11.64 -17.48
CA LEU B 176 -26.59 10.30 -17.11
C LEU B 176 -27.36 10.30 -15.80
N GLU B 177 -27.24 11.37 -15.00
CA GLU B 177 -28.06 11.56 -13.80
C GLU B 177 -27.84 10.45 -12.77
N LEU B 178 -26.58 10.09 -12.53
CA LEU B 178 -26.29 9.10 -11.51
C LEU B 178 -26.44 9.73 -10.12
N ASP B 179 -26.74 8.90 -9.14
CA ASP B 179 -26.69 9.32 -7.74
C ASP B 179 -25.50 8.63 -7.06
N ASP B 180 -25.38 8.83 -5.75
CA ASP B 180 -24.18 8.37 -5.05
C ASP B 180 -24.11 6.84 -4.98
N SER B 181 -25.25 6.17 -4.85
CA SER B 181 -25.23 4.71 -4.88
C SER B 181 -24.73 4.19 -6.22
N ASP B 182 -24.97 4.93 -7.30
CA ASP B 182 -24.41 4.54 -8.59
C ASP B 182 -22.91 4.79 -8.64
N LEU B 183 -22.47 5.96 -8.13
CA LEU B 183 -21.07 6.33 -8.21
C LEU B 183 -20.18 5.41 -7.37
N ALA B 184 -20.66 5.01 -6.19
CA ALA B 184 -19.87 4.13 -5.34
C ALA B 184 -19.46 2.86 -6.09
N LEU B 185 -20.40 2.27 -6.84
CA LEU B 185 -20.04 1.11 -7.66
C LEU B 185 -19.20 1.52 -8.85
N PHE B 186 -19.50 2.68 -9.45
CA PHE B 186 -18.75 3.14 -10.62
C PHE B 186 -17.30 3.42 -10.28
N ILE B 187 -17.06 4.16 -9.19
CA ILE B 187 -15.69 4.47 -8.79
C ILE B 187 -14.96 3.20 -8.37
N ALA B 188 -15.66 2.29 -7.68
CA ALA B 188 -15.01 1.04 -7.28
C ALA B 188 -14.56 0.23 -8.50
N ALA B 189 -15.37 0.25 -9.56
CA ALA B 189 -15.00 -0.42 -10.81
C ALA B 189 -13.82 0.27 -11.49
N ILE B 190 -13.65 1.57 -11.24
CA ILE B 190 -12.50 2.29 -11.78
C ILE B 190 -11.22 1.79 -11.13
N ILE B 191 -11.20 1.72 -9.79
CA ILE B 191 -9.96 1.37 -9.09
C ILE B 191 -9.60 -0.09 -9.33
N LEU B 192 -10.57 -0.99 -9.13
CA LEU B 192 -10.37 -2.43 -9.33
C LEU B 192 -10.38 -2.71 -10.84
N CYS B 193 -9.22 -2.48 -11.46
CA CYS B 193 -9.07 -2.58 -12.91
C CYS B 193 -7.89 -3.47 -13.23
N GLY B 194 -8.14 -4.51 -14.03
CA GLY B 194 -7.08 -5.44 -14.37
C GLY B 194 -6.16 -4.96 -15.47
N ASP B 195 -6.52 -3.87 -16.16
CA ASP B 195 -5.71 -3.37 -17.26
C ASP B 195 -4.53 -2.52 -16.80
N ARG B 196 -4.31 -2.39 -15.50
CA ARG B 196 -3.30 -1.46 -15.02
C ARG B 196 -1.89 -1.99 -15.32
N PRO B 197 -0.97 -1.14 -15.76
CA PRO B 197 0.38 -1.61 -16.10
C PRO B 197 1.13 -2.06 -14.86
N GLY B 198 1.68 -3.27 -14.91
CA GLY B 198 2.48 -3.81 -13.84
C GLY B 198 1.73 -4.58 -12.79
N LEU B 199 0.49 -4.99 -13.06
CA LEU B 199 -0.27 -5.73 -12.06
C LEU B 199 0.33 -7.11 -11.83
N MET B 200 0.46 -7.49 -10.57
CA MET B 200 1.11 -8.75 -10.23
C MET B 200 0.17 -9.92 -10.42
N ASN B 201 -1.04 -9.84 -9.88
CA ASN B 201 -2.03 -10.91 -9.91
C ASN B 201 -3.22 -10.47 -10.76
N VAL B 202 -3.01 -10.46 -12.08
CA VAL B 202 -3.97 -9.88 -13.03
C VAL B 202 -5.33 -10.58 -12.99
N PRO B 203 -5.43 -11.90 -13.21
CA PRO B 203 -6.77 -12.51 -13.26
C PRO B 203 -7.54 -12.39 -11.96
N ARG B 204 -6.85 -12.21 -10.84
CA ARG B 204 -7.53 -11.95 -9.57
C ARG B 204 -8.26 -10.62 -9.60
N VAL B 205 -7.62 -9.58 -10.13
CA VAL B 205 -8.28 -8.28 -10.24
C VAL B 205 -9.39 -8.34 -11.29
N GLU B 206 -9.14 -9.02 -12.42
CA GLU B 206 -10.17 -9.17 -13.44
C GLU B 206 -11.42 -9.85 -12.86
N ALA B 207 -11.22 -10.81 -11.95
CA ALA B 207 -12.36 -11.43 -11.28
C ALA B 207 -13.09 -10.44 -10.38
N ILE B 208 -12.35 -9.63 -9.64
CA ILE B 208 -12.98 -8.63 -8.78
C ILE B 208 -13.69 -7.58 -9.61
N GLN B 209 -13.05 -7.12 -10.69
CA GLN B 209 -13.67 -6.12 -11.55
C GLN B 209 -14.98 -6.62 -12.14
N ASP B 210 -15.04 -7.92 -12.49
CA ASP B 210 -16.26 -8.47 -13.07
C ASP B 210 -17.38 -8.51 -12.05
N THR B 211 -17.06 -8.81 -10.79
CA THR B 211 -18.08 -8.84 -9.75
C THR B 211 -18.69 -7.46 -9.53
N ILE B 212 -17.86 -6.41 -9.60
CA ILE B 212 -18.37 -5.05 -9.38
C ILE B 212 -19.21 -4.60 -10.57
N LEU B 213 -18.75 -4.90 -11.79
CA LEU B 213 -19.51 -4.51 -12.97
C LEU B 213 -20.84 -5.26 -13.05
N ARG B 214 -20.85 -6.53 -12.64
CA ARG B 214 -22.11 -7.23 -12.48
C ARG B 214 -22.98 -6.57 -11.41
N ALA B 215 -22.37 -6.22 -10.28
CA ALA B 215 -23.12 -5.54 -9.22
C ALA B 215 -23.62 -4.18 -9.68
N LEU B 216 -22.84 -3.51 -10.55
CA LEU B 216 -23.28 -2.22 -11.08
C LEU B 216 -24.52 -2.39 -11.94
N GLU B 217 -24.45 -3.24 -12.97
CA GLU B 217 -25.60 -3.39 -13.87
C GLU B 217 -26.81 -3.92 -13.12
N PHE B 218 -26.60 -4.68 -12.05
CA PHE B 218 -27.73 -5.14 -11.25
C PHE B 218 -28.36 -3.97 -10.49
N HIS B 219 -27.52 -3.14 -9.87
CA HIS B 219 -28.04 -1.95 -9.19
C HIS B 219 -28.66 -0.97 -10.17
N LEU B 220 -28.11 -0.87 -11.38
CA LEU B 220 -28.70 0.02 -12.39
C LEU B 220 -30.10 -0.45 -12.79
N GLN B 221 -30.34 -1.76 -12.79
CA GLN B 221 -31.66 -2.28 -13.11
C GLN B 221 -32.67 -1.90 -12.04
N ALA B 222 -32.27 -1.93 -10.78
CA ALA B 222 -33.18 -1.63 -9.68
C ALA B 222 -33.37 -0.13 -9.49
N ASN B 223 -32.27 0.62 -9.43
CA ASN B 223 -32.35 2.05 -9.13
C ASN B 223 -32.78 2.88 -10.33
N HIS B 224 -32.36 2.52 -11.54
CA HIS B 224 -32.73 3.23 -12.76
C HIS B 224 -33.46 2.26 -13.68
N PRO B 225 -34.69 1.88 -13.33
CA PRO B 225 -35.35 0.79 -14.07
C PRO B 225 -35.85 1.19 -15.44
N ASP B 226 -36.14 2.47 -15.66
CA ASP B 226 -36.62 2.94 -16.96
C ASP B 226 -35.51 3.47 -17.86
N ALA B 227 -34.29 3.60 -17.34
CA ALA B 227 -33.18 4.13 -18.12
C ALA B 227 -32.64 3.03 -19.01
N GLN B 228 -32.83 3.18 -20.32
CA GLN B 228 -32.33 2.22 -21.29
C GLN B 228 -30.86 2.46 -21.58
N TYR B 229 -30.13 1.37 -21.82
CA TYR B 229 -28.74 1.41 -22.27
C TYR B 229 -27.83 2.17 -21.30
N LEU B 230 -28.18 2.21 -20.01
CA LEU B 230 -27.39 2.99 -19.08
C LEU B 230 -26.04 2.34 -18.80
N PHE B 231 -26.02 1.00 -18.62
CA PHE B 231 -24.77 0.33 -18.33
C PHE B 231 -23.76 0.41 -19.47
N PRO B 232 -24.10 0.14 -20.73
CA PRO B 232 -23.11 0.31 -21.80
C PRO B 232 -22.70 1.76 -22.00
N LYS B 233 -23.56 2.71 -21.62
CA LYS B 233 -23.15 4.12 -21.63
C LYS B 233 -22.11 4.41 -20.56
N LEU B 234 -22.24 3.79 -19.39
CA LEU B 234 -21.26 3.99 -18.33
C LEU B 234 -19.91 3.39 -18.72
N LEU B 235 -19.92 2.22 -19.37
CA LEU B 235 -18.67 1.62 -19.84
C LEU B 235 -17.97 2.55 -20.81
N GLN B 236 -18.74 3.27 -21.63
CA GLN B 236 -18.14 4.23 -22.54
C GLN B 236 -17.52 5.41 -21.77
N LYS B 237 -18.16 5.83 -20.68
CA LYS B 237 -17.57 6.87 -19.84
C LYS B 237 -16.28 6.40 -19.20
N MET B 238 -16.17 5.10 -18.89
CA MET B 238 -14.91 4.58 -18.37
C MET B 238 -13.84 4.59 -19.45
N ALA B 239 -14.23 4.46 -20.71
CA ALA B 239 -13.29 4.59 -21.81
C ALA B 239 -12.94 6.04 -22.06
N ASP B 240 -13.94 6.93 -21.99
CA ASP B 240 -13.67 8.36 -22.08
C ASP B 240 -12.79 8.83 -20.95
N LEU B 241 -12.88 8.17 -19.79
CA LEU B 241 -12.07 8.57 -18.64
C LEU B 241 -10.61 8.20 -18.82
N ARG B 242 -10.35 7.05 -19.45
CA ARG B 242 -8.96 6.69 -19.73
C ARG B 242 -8.32 7.68 -20.70
N GLN B 243 -9.09 8.14 -21.69
CA GLN B 243 -8.58 9.14 -22.62
C GLN B 243 -8.33 10.47 -21.91
N LEU B 244 -9.24 10.87 -21.03
CA LEU B 244 -9.10 12.15 -20.34
C LEU B 244 -7.85 12.17 -19.47
N VAL B 245 -7.55 11.06 -18.80
CA VAL B 245 -6.34 11.00 -17.99
C VAL B 245 -5.10 10.91 -18.88
N THR B 246 -5.22 10.23 -20.02
CA THR B 246 -4.11 10.18 -20.98
C THR B 246 -3.73 11.59 -21.43
N GLU B 247 -4.71 12.36 -21.89
CA GLU B 247 -4.46 13.73 -22.30
C GLU B 247 -4.04 14.60 -21.13
N HIS B 248 -4.53 14.29 -19.92
CA HIS B 248 -4.13 15.06 -18.75
C HIS B 248 -2.66 14.84 -18.42
N ALA B 249 -2.21 13.58 -18.44
CA ALA B 249 -0.80 13.31 -18.16
C ALA B 249 0.11 13.91 -19.23
N GLN B 250 -0.39 14.06 -20.46
CA GLN B 250 0.38 14.72 -21.49
C GLN B 250 0.58 16.19 -21.18
N MET B 251 -0.47 16.86 -20.71
CA MET B 251 -0.34 18.26 -20.33
C MET B 251 0.50 18.41 -19.07
N MET B 252 0.50 17.40 -18.19
CA MET B 252 1.37 17.45 -17.02
C MET B 252 2.83 17.31 -17.42
N GLN B 253 3.11 16.54 -18.48
CA GLN B 253 4.47 16.50 -19.01
C GLN B 253 4.92 17.88 -19.47
N ARG B 254 3.98 18.69 -19.97
CA ARG B 254 4.33 20.02 -20.43
C ARG B 254 4.59 20.95 -19.25
N ILE B 255 3.81 20.82 -18.17
CA ILE B 255 3.99 21.68 -17.02
C ILE B 255 5.35 21.44 -16.37
N LYS B 256 5.75 20.17 -16.25
CA LYS B 256 7.05 19.87 -15.68
C LYS B 256 8.19 20.31 -16.59
N LYS B 257 7.93 20.53 -17.87
CA LYS B 257 8.97 20.93 -18.82
C LYS B 257 9.08 22.45 -18.95
N THR B 258 7.96 23.14 -19.15
CA THR B 258 7.98 24.56 -19.44
C THR B 258 7.80 25.44 -18.21
N GLU B 259 7.12 24.95 -17.17
CA GLU B 259 6.86 25.76 -15.97
C GLU B 259 7.93 25.43 -14.93
N THR B 260 9.11 26.03 -15.11
CA THR B 260 10.20 25.82 -14.17
C THR B 260 9.86 26.43 -12.80
N GLU B 261 9.03 27.46 -12.78
CA GLU B 261 8.64 28.09 -11.51
C GLU B 261 7.82 27.13 -10.66
N THR B 262 6.80 26.50 -11.25
CA THR B 262 5.88 25.68 -10.50
C THR B 262 6.57 24.44 -9.95
N SER B 263 6.39 24.20 -8.66
CA SER B 263 6.79 22.93 -8.07
C SER B 263 5.65 21.93 -8.18
N LEU B 264 5.97 20.66 -7.98
CA LEU B 264 4.98 19.59 -8.09
C LEU B 264 4.98 18.79 -6.80
N HIS B 265 3.79 18.46 -6.30
CA HIS B 265 3.68 17.71 -5.06
C HIS B 265 4.32 16.33 -5.25
N PRO B 266 5.07 15.83 -4.27
CA PRO B 266 5.76 14.54 -4.43
C PRO B 266 4.84 13.40 -4.79
N LEU B 267 3.59 13.43 -4.32
CA LEU B 267 2.64 12.38 -4.65
C LEU B 267 2.27 12.39 -6.12
N LEU B 268 2.21 13.58 -6.74
CA LEU B 268 1.98 13.66 -8.18
C LEU B 268 3.24 13.39 -8.98
N GLN B 269 4.42 13.62 -8.42
CA GLN B 269 5.65 13.22 -9.09
C GLN B 269 5.74 11.71 -9.20
N GLU B 270 5.29 10.99 -8.17
CA GLU B 270 5.35 9.53 -8.20
C GLU B 270 4.35 8.95 -9.19
N ILE B 271 3.17 9.58 -9.30
CA ILE B 271 2.14 9.08 -10.20
C ILE B 271 2.58 9.23 -11.66
N TYR B 272 3.14 10.38 -12.02
CA TYR B 272 3.51 10.70 -13.39
C TYR B 272 4.99 10.38 -13.66
N LYS B 273 5.42 9.17 -13.33
CA LYS B 273 6.80 8.75 -13.59
C LYS B 273 6.85 7.36 -14.23
C5 B7G C . 5.88 -0.93 -7.29
O5 B7G C . 5.81 -2.21 -6.54
C1 B7G C . 7.15 -2.68 -6.16
C2 B7G C . 8.09 -2.79 -7.34
C3 B7G C . 8.15 -1.52 -8.10
C4 B7G C . 6.80 -1.06 -8.50
C6 B7G C . 4.52 -0.54 -7.76
O1 B7G C . 7.03 -3.93 -5.54
C7 B7G C . 7.16 -3.87 -4.14
C8 B7G C . 7.27 -5.25 -3.55
C9 B7G C . 6.05 -5.56 -2.72
C10 B7G C . 6.42 -5.71 -1.26
C11 B7G C . 5.30 -5.20 -0.38
C12 B7G C . 4.68 -6.34 0.38
O2 B7G C . 9.41 -3.11 -6.88
O3 B7G C . 8.98 -1.72 -9.30
O4 B7G C . 6.90 0.24 -9.13
O6 B7G C . 3.58 -0.89 -6.76
C13 B7G C . 3.17 -6.30 0.22
C1 81O D . 13.58 -15.00 0.08
C10 81O D . 16.49 -19.38 5.02
C11 81O D . 16.30 -18.80 3.77
C12 81O D . 12.94 -20.33 5.93
C13 81O D . 11.53 -22.32 5.87
C15 81O D . 12.45 -24.60 5.24
C16 81O D . 12.30 -25.92 4.88
C17 81O D . 11.01 -26.44 4.75
C18 81O D . 9.93 -25.61 4.99
C19 81O D . 10.12 -24.29 5.35
C2 81O D . 14.13 -16.37 0.36
C20 81O D . 10.82 -27.87 4.37
C21 81O D . 16.65 -21.21 7.26
C22 81O D . 17.58 -20.35 8.09
C23 81O D . 17.05 -20.04 9.46
C24 81O D . 18.01 -19.22 10.29
C4 81O D . 11.40 -23.75 5.49
C41 81O D . 15.19 -18.88 0.70
C42 81O D . 15.77 -20.27 0.80
C44 81O D . 14.52 -17.17 -0.69
C45 81O D . 14.29 -16.83 1.68
C46 81O D . 13.91 -15.99 2.89
C5 81O D . 14.84 -18.12 1.84
C6 81O D . 15.04 -18.71 3.20
C7 81O D . 13.97 -19.23 3.91
C8 81O D . 14.11 -19.80 5.17
C9 81O D . 15.40 -19.85 5.72
F29 81O D . 13.72 -24.13 5.35
F30 81O D . 9.96 -28.03 3.37
F31 81O D . 10.35 -28.61 5.38
F32 81O D . 11.94 -28.45 3.98
N27 81O D . 12.72 -21.76 5.70
N43 81O D . 15.03 -18.40 -0.53
O25 81O D . 12.49 -14.68 0.61
O26 81O D . 14.24 -14.26 -0.66
O28 81O D . 10.57 -21.70 6.34
O33 81O D . 15.47 -20.46 6.94
C5 B7G E . 6.13 2.76 -6.49
O5 B7G E . 5.23 3.89 -6.17
C1 B7G E . 4.83 4.64 -7.37
C2 B7G E . 6.06 5.11 -8.15
C3 B7G E . 6.88 3.94 -8.53
C4 B7G E . 7.32 3.20 -7.33
C6 B7G E . 6.64 2.14 -5.23
O1 B7G E . 4.05 5.72 -7.02
C7 B7G E . 2.72 5.36 -6.72
C8 B7G E . 1.80 6.52 -6.99
C9 B7G E . 1.18 6.99 -5.69
C10 B7G E . -0.20 6.39 -5.51
C11 B7G E . -0.43 6.10 -4.03
C12 B7G E . -1.88 6.31 -3.68
O2 B7G E . 5.66 5.85 -9.32
O3 B7G E . 8.05 4.35 -9.30
O4 B7G E . 8.07 2.04 -7.74
O6 B7G E . 5.94 2.65 -4.12
C13 B7G E . -2.02 6.39 -2.16
C1 81O F . -3.69 16.41 -11.13
C10 81O F . -9.62 20.22 -12.79
C11 81O F . -8.29 19.84 -12.85
C12 81O F . -10.09 20.61 -9.05
C13 81O F . -10.08 22.38 -7.38
C15 81O F . -9.88 24.83 -8.04
C16 81O F . -9.73 26.16 -7.73
C17 81O F . -9.59 26.53 -6.41
C18 81O F . -9.61 25.56 -5.42
C19 81O F . -9.77 24.23 -5.76
C2 81O F . -4.27 17.76 -11.46
C20 81O F . -9.41 27.97 -6.05
C21 81O F . -12.11 21.70 -12.36
C22 81O F . -12.95 20.86 -13.29
C23 81O F . -14.17 20.28 -12.62
C24 81O F . -15.09 19.51 -13.54
C4 81O F . -9.92 23.83 -7.09
C41 81O F . -5.13 20.28 -12.16
C42 81O F . -5.51 21.67 -12.55
C44 81O F . -3.42 18.76 -11.90
C45 81O F . -5.65 18.02 -11.39
C46 81O F . -6.65 16.97 -10.95
C5 81O F . -6.07 19.32 -11.76
C6 81O F . -7.51 19.69 -11.70
C7 81O F . -8.13 19.97 -10.47
C8 81O F . -9.45 20.34 -10.38
C9 81O F . -10.20 20.45 -11.55
F29 81O F . -10.02 24.49 -9.35
F30 81O F . -8.29 28.20 -5.38
F31 81O F . -10.39 28.45 -5.30
F32 81O F . -9.36 28.76 -7.13
N27 81O F . -9.99 22.00 -8.66
N43 81O F . -3.82 19.99 -12.22
O25 81O F . -4.03 15.89 -10.04
O26 81O F . -2.94 15.88 -11.96
O28 81O F . -10.28 21.57 -6.48
O33 81O F . -11.50 20.85 -11.37
#